data_6HTF
#
_entry.id   6HTF
#
_cell.length_a   145.521
_cell.length_b   32.947
_cell.length_c   80.624
_cell.angle_alpha   90.00
_cell.angle_beta   90.00
_cell.angle_gamma   90.00
#
_symmetry.space_group_name_H-M   'P 21 21 2'
#
loop_
_entity.id
_entity.type
_entity.pdbx_description
1 polymer 'Tyrosine-protein kinase BTK'
2 polymer 'rF10 repebody'
3 water water
#
loop_
_entity_poly.entity_id
_entity_poly.type
_entity_poly.pdbx_seq_one_letter_code
_entity_poly.pdbx_strand_id
1 'polypeptide(L)'
;GAMGEAEDSIEMYEWYSKHMTRSQAEQLLKQEGKEGGFIVRDSSKAGKYTVSVFAKSTGDPQGVIRHYVVCSTPQSQYYL
AEKHLFSTIPELINYHQHNSAGLISRLKYPVSQQNKN
;
A
2 'polypeptide(L)'
;ETITVSTPIKQIFPDDAFAETIKANLKKKSVTDAVTQNELNSIDQIIANNSDIKSVQGIQYLPNVRYLALGGYKLHDISA
LKELTNLTYLELIYNQLQSLPNGVFDKLTNLKELVLYWNQLQSLPDGVFDKLTNLTYLYLQRNQLQSLPKGVFDKLTNLT
ELDLSYNQLQSLPEGVFDKLTQLKDLRLYQNQLKSVPDGVFDRLTSLQYIWLHDNPWDCTCPGIRYLSEWINKHSGVVRN
SAGSVAPDSAKCSGSGKPVRSIICPTLEHHHHHH
;
B
#
# COMPACT_ATOMS: atom_id res chain seq x y z
N ILE A 10 11.59 24.50 -9.61
CA ILE A 10 11.88 23.10 -9.32
C ILE A 10 12.52 23.00 -7.96
N GLU A 11 13.46 23.90 -7.68
CA GLU A 11 13.91 24.05 -6.32
C GLU A 11 12.80 24.75 -5.53
N MET A 12 13.07 24.98 -4.26
CA MET A 12 12.13 25.33 -3.20
C MET A 12 11.38 24.09 -2.71
N TYR A 13 11.49 22.96 -3.40
CA TYR A 13 10.79 21.73 -3.03
C TYR A 13 11.74 20.80 -2.31
N GLU A 14 11.32 20.33 -1.13
CA GLU A 14 12.17 19.49 -0.29
C GLU A 14 12.63 18.22 -1.01
N TRP A 15 11.87 17.75 -1.98
CA TRP A 15 12.14 16.47 -2.63
C TRP A 15 13.14 16.58 -3.76
N TYR A 16 13.72 17.76 -3.98
CA TYR A 16 14.64 17.97 -5.08
C TYR A 16 16.06 18.09 -4.57
N SER A 17 16.97 17.32 -5.18
CA SER A 17 18.39 17.41 -4.88
C SER A 17 19.13 17.37 -6.22
N LYS A 18 19.51 18.54 -6.72
CA LYS A 18 20.01 18.61 -8.09
C LYS A 18 21.29 17.81 -8.25
N HIS A 19 22.25 18.00 -7.39
CA HIS A 19 23.48 17.30 -7.60
C HIS A 19 23.53 15.86 -7.19
N MET A 20 22.61 15.42 -6.36
CA MET A 20 22.67 14.09 -5.76
C MET A 20 22.84 13.00 -6.83
N THR A 21 23.84 12.15 -6.64
CA THR A 21 24.07 11.01 -7.52
C THR A 21 23.23 9.82 -7.08
N ARG A 22 23.13 8.83 -7.98
CA ARG A 22 22.37 7.63 -7.69
C ARG A 22 22.86 6.94 -6.42
N SER A 23 24.18 6.82 -6.26
CA SER A 23 24.72 6.21 -5.05
C SER A 23 24.33 6.98 -3.81
N GLN A 24 24.46 8.31 -3.84
CA GLN A 24 24.02 9.12 -2.69
C GLN A 24 22.55 8.90 -2.40
N ALA A 25 21.73 8.77 -3.44
CA ALA A 25 20.30 8.60 -3.25
C ALA A 25 20.02 7.30 -2.49
N GLU A 26 20.63 6.22 -2.94
CA GLU A 26 20.34 4.92 -2.35
C GLU A 26 20.72 4.87 -0.88
N GLN A 27 21.95 5.30 -0.55
CA GLN A 27 22.36 5.27 0.86
C GLN A 27 21.37 6.05 1.73
N LEU A 28 20.98 7.24 1.28
CA LEU A 28 20.11 8.06 2.10
C LEU A 28 18.69 7.50 2.13
N LEU A 29 18.23 6.95 1.00
CA LEU A 29 16.92 6.30 0.99
C LEU A 29 16.92 5.09 1.92
N LYS A 30 17.97 4.26 1.85
CA LYS A 30 18.03 3.09 2.71
C LYS A 30 18.24 3.47 4.16
N GLN A 31 19.09 4.48 4.40
CA GLN A 31 19.22 4.99 5.75
C GLN A 31 17.90 5.50 6.29
N GLU A 32 17.03 6.01 5.42
CA GLU A 32 15.72 6.44 5.89
C GLU A 32 14.80 5.26 6.16
N GLY A 33 14.77 4.28 5.26
CA GLY A 33 14.03 3.05 5.45
C GLY A 33 12.53 3.17 5.36
N LYS A 34 12.02 4.36 5.06
CA LYS A 34 10.58 4.59 4.99
C LYS A 34 10.03 4.11 3.65
N GLU A 35 8.90 3.41 3.69
CA GLU A 35 8.18 3.07 2.47
C GLU A 35 7.82 4.34 1.71
N GLY A 36 8.03 4.31 0.40
CA GLY A 36 7.76 5.47 -0.42
C GLY A 36 8.67 6.67 -0.18
N GLY A 37 9.77 6.49 0.54
CA GLY A 37 10.79 7.52 0.53
C GLY A 37 11.28 7.76 -0.89
N PHE A 38 11.47 9.03 -1.24
CA PHE A 38 11.87 9.31 -2.60
C PHE A 38 12.72 10.57 -2.67
N ILE A 39 13.51 10.66 -3.74
CA ILE A 39 14.36 11.81 -4.03
C ILE A 39 14.29 12.05 -5.52
N VAL A 40 14.05 13.30 -5.90
CA VAL A 40 14.03 13.72 -7.31
C VAL A 40 15.37 14.39 -7.62
N ARG A 41 16.04 13.90 -8.66
CA ARG A 41 17.39 14.36 -8.93
C ARG A 41 17.60 14.39 -10.43
N ASP A 42 18.55 15.21 -10.87
CA ASP A 42 18.88 15.27 -12.29
C ASP A 42 19.45 13.95 -12.76
N SER A 43 19.05 13.49 -13.90
CA SER A 43 19.54 12.23 -14.29
C SER A 43 20.91 12.25 -14.78
N SER A 44 21.44 11.06 -14.97
CA SER A 44 22.78 10.91 -15.53
C SER A 44 22.77 11.45 -16.95
N LYS A 45 21.60 11.36 -17.55
CA LYS A 45 21.35 11.73 -18.93
C LYS A 45 21.43 13.21 -19.14
N ALA A 46 21.13 13.62 -20.35
CA ALA A 46 21.15 15.03 -20.62
C ALA A 46 19.75 15.53 -20.59
N GLY A 47 19.45 16.59 -19.85
CA GLY A 47 18.05 17.01 -19.87
C GLY A 47 17.02 15.99 -19.44
N LYS A 48 17.32 15.20 -18.40
CA LYS A 48 16.35 14.22 -17.93
C LYS A 48 16.27 14.32 -16.41
N TYR A 49 15.11 13.97 -15.87
CA TYR A 49 14.92 13.90 -14.43
C TYR A 49 14.67 12.45 -14.02
N THR A 50 15.09 12.11 -12.81
CA THR A 50 14.93 10.75 -12.30
C THR A 50 14.39 10.82 -10.88
N VAL A 51 13.38 9.98 -10.62
CA VAL A 51 12.77 9.85 -9.31
C VAL A 51 13.20 8.51 -8.72
N SER A 52 13.88 8.58 -7.58
CA SER A 52 14.36 7.40 -6.86
C SER A 52 13.39 7.12 -5.71
N VAL A 53 12.81 5.91 -5.70
CA VAL A 53 11.81 5.55 -4.70
C VAL A 53 12.31 4.35 -3.91
N PHE A 54 12.13 4.40 -2.60
CA PHE A 54 12.36 3.25 -1.74
C PHE A 54 11.03 2.55 -1.47
N ALA A 55 11.01 1.23 -1.63
CA ALA A 55 9.79 0.48 -1.34
C ALA A 55 10.12 -0.94 -0.90
N LYS A 56 9.19 -1.52 -0.14
CA LYS A 56 9.36 -2.86 0.41
C LYS A 56 8.32 -3.84 -0.13
N SER A 57 7.67 -3.51 -1.24
CA SER A 57 6.55 -4.28 -1.75
C SER A 57 6.93 -5.32 -2.79
N THR A 58 8.22 -5.62 -2.96
CA THR A 58 8.68 -6.43 -4.08
C THR A 58 9.08 -7.84 -3.70
N GLY A 59 9.00 -8.20 -2.42
CA GLY A 59 9.45 -9.49 -1.96
C GLY A 59 10.70 -9.45 -1.11
N ASP A 60 11.38 -8.31 -1.09
CA ASP A 60 12.56 -8.15 -0.25
C ASP A 60 12.20 -7.24 0.92
N PRO A 61 12.09 -7.77 2.14
CA PRO A 61 11.70 -6.92 3.28
C PRO A 61 12.71 -5.84 3.61
N GLN A 62 13.97 -5.99 3.18
CA GLN A 62 14.95 -4.94 3.38
C GLN A 62 14.67 -3.72 2.51
N GLY A 63 13.85 -3.89 1.49
CA GLY A 63 13.54 -2.74 0.67
C GLY A 63 14.47 -2.64 -0.52
N VAL A 64 13.92 -2.14 -1.62
CA VAL A 64 14.68 -1.95 -2.85
C VAL A 64 14.55 -0.50 -3.26
N ILE A 65 15.50 -0.04 -4.06
CA ILE A 65 15.48 1.29 -4.63
C ILE A 65 15.19 1.17 -6.11
N ARG A 66 14.21 1.91 -6.58
CA ARG A 66 13.89 1.98 -8.00
C ARG A 66 14.10 3.42 -8.48
N HIS A 67 14.77 3.56 -9.62
CA HIS A 67 15.05 4.85 -10.23
C HIS A 67 14.15 5.01 -11.44
N TYR A 68 13.20 5.93 -11.35
CA TYR A 68 12.25 6.17 -12.42
C TYR A 68 12.68 7.43 -13.16
N VAL A 69 13.07 7.27 -14.42
CA VAL A 69 13.39 8.43 -15.25
C VAL A 69 12.08 9.02 -15.78
N VAL A 70 11.90 10.30 -15.60
CA VAL A 70 10.72 10.97 -16.07
C VAL A 70 10.67 11.01 -17.59
N CYS A 71 9.58 10.48 -18.16
CA CYS A 71 9.36 10.47 -19.60
C CYS A 71 8.86 11.81 -20.17
N SER A 72 9.08 12.01 -21.46
CA SER A 72 8.67 13.22 -22.17
C SER A 72 7.94 13.02 -23.46
N THR A 73 6.72 13.50 -23.64
CA THR A 73 6.15 13.31 -24.88
C THR A 73 6.85 14.27 -25.85
N PRO A 74 6.67 14.04 -27.10
CA PRO A 74 7.10 15.08 -28.07
C PRO A 74 6.48 16.43 -27.78
N GLN A 75 5.28 16.45 -27.22
CA GLN A 75 4.58 17.68 -26.88
C GLN A 75 5.06 18.28 -25.56
N SER A 76 6.23 17.89 -25.08
CA SER A 76 6.87 18.53 -23.93
C SER A 76 6.00 18.47 -22.68
N GLN A 77 5.38 17.33 -22.47
CA GLN A 77 4.75 17.03 -21.20
C GLN A 77 5.51 15.89 -20.55
N TYR A 78 5.32 15.77 -19.27
CA TYR A 78 6.03 14.80 -18.53
C TYR A 78 5.14 13.78 -17.94
N TYR A 79 5.62 12.55 -17.95
CA TYR A 79 4.95 11.39 -17.40
C TYR A 79 5.85 10.28 -16.88
N LEU A 80 5.34 9.63 -15.84
CA LEU A 80 5.97 8.49 -15.19
C LEU A 80 4.99 7.38 -15.43
N ALA A 81 3.72 7.66 -15.27
CA ALA A 81 2.68 6.71 -15.53
C ALA A 81 1.92 7.18 -16.77
N GLU A 82 1.86 6.34 -17.78
CA GLU A 82 1.26 6.72 -19.01
C GLU A 82 -0.19 7.01 -18.83
N LYS A 83 -0.58 8.03 -19.56
CA LYS A 83 -1.89 8.67 -19.57
C LYS A 83 -1.95 9.72 -18.56
N HIS A 84 -0.89 10.00 -17.88
CA HIS A 84 -1.00 11.00 -16.85
C HIS A 84 0.06 12.02 -17.19
N LEU A 85 -0.23 12.81 -18.20
CA LEU A 85 0.76 13.76 -18.71
C LEU A 85 0.65 15.09 -17.99
N PHE A 86 1.80 15.65 -17.64
CA PHE A 86 1.89 16.90 -16.88
C PHE A 86 2.86 17.86 -17.58
N SER A 87 2.60 19.14 -17.42
CA SER A 87 3.43 20.16 -18.06
C SER A 87 4.61 20.59 -17.20
N THR A 88 4.72 20.07 -15.98
CA THR A 88 5.60 20.64 -14.97
C THR A 88 6.00 19.53 -14.01
N ILE A 89 7.29 19.49 -13.64
CA ILE A 89 7.74 18.46 -12.72
C ILE A 89 7.06 18.59 -11.36
N PRO A 90 6.97 19.76 -10.74
CA PRO A 90 6.12 19.88 -9.55
C PRO A 90 4.72 19.32 -9.72
N GLU A 91 4.09 19.44 -10.90
CA GLU A 91 2.74 18.91 -11.07
C GLU A 91 2.76 17.39 -11.14
N LEU A 92 3.75 16.85 -11.84
CA LEU A 92 3.94 15.42 -11.89
C LEU A 92 4.14 14.86 -10.49
N ILE A 93 5.05 15.45 -9.74
CA ILE A 93 5.38 14.93 -8.42
C ILE A 93 4.18 15.01 -7.48
N ASN A 94 3.43 16.12 -7.54
CA ASN A 94 2.28 16.28 -6.64
C ASN A 94 1.25 15.18 -6.88
N TYR A 95 1.02 14.82 -8.14
CA TYR A 95 0.10 13.74 -8.46
C TYR A 95 0.59 12.42 -7.86
N HIS A 96 1.85 12.11 -8.12
CA HIS A 96 2.40 10.84 -7.65
C HIS A 96 2.60 10.83 -6.14
N GLN A 97 2.52 11.98 -5.49
CA GLN A 97 2.45 12.00 -4.03
C GLN A 97 1.07 11.63 -3.50
N HIS A 98 0.05 11.59 -4.37
CA HIS A 98 -1.30 11.27 -3.95
C HIS A 98 -1.84 10.00 -4.57
N ASN A 99 -1.11 9.41 -5.49
CA ASN A 99 -1.58 8.27 -6.25
C ASN A 99 -0.40 7.36 -6.50
N SER A 100 -0.52 6.10 -6.10
CA SER A 100 0.51 5.11 -6.43
C SER A 100 0.74 5.08 -7.94
N ALA A 101 -0.35 5.13 -8.72
CA ALA A 101 -0.29 5.28 -10.16
C ALA A 101 0.72 4.33 -10.80
N GLY A 102 0.57 3.04 -10.49
CA GLY A 102 1.37 2.01 -11.12
C GLY A 102 2.85 2.00 -10.78
N LEU A 103 3.29 2.76 -9.78
CA LEU A 103 4.68 2.74 -9.35
C LEU A 103 4.86 1.77 -8.19
N ILE A 104 6.14 1.49 -7.87
CA ILE A 104 6.45 0.59 -6.76
C ILE A 104 5.84 1.08 -5.46
N SER A 105 5.64 2.38 -5.33
CA SER A 105 4.96 2.96 -4.19
C SER A 105 4.59 4.40 -4.53
N ARG A 106 3.50 4.86 -3.91
CA ARG A 106 3.24 6.29 -3.85
C ARG A 106 4.46 7.01 -3.28
N LEU A 107 4.68 8.23 -3.74
CA LEU A 107 5.75 9.06 -3.22
C LEU A 107 5.27 9.59 -1.87
N LYS A 108 5.64 8.90 -0.79
CA LYS A 108 5.09 9.14 0.53
C LYS A 108 5.91 10.10 1.38
N TYR A 109 7.21 10.17 1.14
CA TYR A 109 8.06 10.87 2.08
C TYR A 109 9.29 11.44 1.38
N PRO A 110 9.40 12.76 1.31
CA PRO A 110 10.59 13.37 0.70
C PRO A 110 11.82 13.18 1.59
N VAL A 111 12.89 12.63 1.00
CA VAL A 111 14.15 12.42 1.69
C VAL A 111 15.17 13.42 1.17
N SER A 112 15.94 14.05 2.06
CA SER A 112 16.89 15.06 1.62
C SER A 112 18.16 15.03 2.45
N GLN A 113 19.18 15.75 1.94
CA GLN A 113 20.50 15.95 2.56
C GLN A 113 21.39 14.71 2.50
N PRO B 8 12.17 2.07 34.78
CA PRO B 8 12.57 0.70 34.45
C PRO B 8 13.58 0.62 33.32
N ILE B 9 14.46 -0.36 33.43
CA ILE B 9 15.63 -0.48 32.57
C ILE B 9 15.29 -1.21 31.28
N LYS B 10 14.30 -0.73 30.54
CA LYS B 10 13.93 -1.31 29.26
C LYS B 10 13.65 -2.80 29.33
N GLN B 11 13.22 -3.29 30.49
CA GLN B 11 12.55 -4.58 30.54
C GLN B 11 11.05 -4.40 30.47
N ILE B 12 10.63 -3.19 30.08
CA ILE B 12 9.32 -2.95 29.52
C ILE B 12 9.13 -3.76 28.24
N PHE B 13 10.21 -3.96 27.48
CA PHE B 13 10.14 -4.61 26.17
C PHE B 13 10.78 -6.00 26.22
N PRO B 14 10.00 -7.06 26.38
CA PRO B 14 10.60 -8.40 26.59
C PRO B 14 11.33 -8.94 25.36
N ASP B 15 10.74 -8.79 24.17
CA ASP B 15 11.44 -9.17 22.95
C ASP B 15 12.74 -8.41 22.84
N ASP B 16 13.86 -9.13 22.79
CA ASP B 16 15.14 -8.47 22.82
C ASP B 16 15.44 -7.70 21.53
N ALA B 17 14.84 -8.12 20.40
CA ALA B 17 15.02 -7.36 19.17
C ALA B 17 14.24 -6.05 19.21
N PHE B 18 13.02 -6.07 19.75
CA PHE B 18 12.25 -4.85 19.89
C PHE B 18 12.91 -3.89 20.87
N ALA B 19 13.46 -4.43 21.96
CA ALA B 19 14.13 -3.56 22.92
C ALA B 19 15.36 -2.91 22.29
N GLU B 20 16.10 -3.61 21.49
CA GLU B 20 17.20 -3.05 20.78
C GLU B 20 16.67 -1.99 19.87
N THR B 21 15.51 -2.20 19.32
CA THR B 21 14.94 -1.19 18.44
C THR B 21 14.57 0.06 19.23
N ILE B 22 14.05 -0.11 20.41
CA ILE B 22 13.78 1.03 21.23
C ILE B 22 15.09 1.72 21.64
N LYS B 23 16.12 0.94 21.85
CA LYS B 23 17.41 1.45 22.23
C LYS B 23 17.90 2.34 21.16
N ALA B 24 17.84 1.91 19.92
CA ALA B 24 18.34 2.76 18.89
C ALA B 24 17.48 3.97 18.77
N ASN B 25 16.17 3.79 18.78
CA ASN B 25 15.26 4.92 18.67
C ASN B 25 15.65 6.03 19.64
N LEU B 26 15.72 5.71 20.93
CA LEU B 26 16.07 6.67 21.96
C LEU B 26 17.57 6.91 22.06
N LYS B 27 18.35 6.42 21.10
CA LYS B 27 19.80 6.61 21.03
C LYS B 27 20.51 6.12 22.29
N LYS B 28 19.85 5.26 23.07
CA LYS B 28 20.34 4.90 24.40
C LYS B 28 21.61 4.04 24.30
N LYS B 29 22.12 3.66 25.46
CA LYS B 29 23.42 3.00 25.55
C LYS B 29 23.31 1.50 25.31
N SER B 30 22.31 0.85 25.90
CA SER B 30 22.27 -0.60 25.89
C SER B 30 20.89 -1.08 26.33
N VAL B 31 20.65 -2.37 26.13
CA VAL B 31 19.46 -3.06 26.57
C VAL B 31 19.17 -2.71 28.03
N THR B 32 20.22 -2.68 28.85
CA THR B 32 20.10 -2.54 30.30
C THR B 32 19.83 -1.12 30.74
N ASP B 33 20.11 -0.14 29.87
CA ASP B 33 19.92 1.27 30.20
C ASP B 33 18.50 1.54 30.67
N ALA B 34 18.35 2.52 31.57
CA ALA B 34 17.05 2.85 32.11
C ALA B 34 16.38 3.93 31.27
N VAL B 35 15.06 3.94 31.30
CA VAL B 35 14.24 4.89 30.54
C VAL B 35 13.09 5.37 31.42
N THR B 36 12.69 6.60 31.19
CA THR B 36 11.55 7.17 31.87
C THR B 36 10.35 7.20 30.93
N GLN B 37 9.16 7.37 31.52
CA GLN B 37 7.97 7.52 30.70
C GLN B 37 8.05 8.78 29.84
N ASN B 38 8.70 9.83 30.34
CA ASN B 38 8.86 11.05 29.54
C ASN B 38 9.64 10.77 28.26
N GLU B 39 10.64 9.88 28.32
CA GLU B 39 11.32 9.49 27.09
C GLU B 39 10.40 8.69 26.19
N LEU B 40 9.68 7.72 26.75
CA LEU B 40 8.75 6.92 25.96
C LEU B 40 7.71 7.79 25.26
N ASN B 41 7.21 8.83 25.94
CA ASN B 41 6.20 9.70 25.34
C ASN B 41 6.75 10.49 24.16
N SER B 42 8.06 10.71 24.11
CA SER B 42 8.64 11.46 23.01
C SER B 42 8.79 10.64 21.74
N ILE B 43 8.66 9.32 21.85
CA ILE B 43 8.77 8.48 20.66
C ILE B 43 7.62 8.81 19.72
N ASP B 44 7.97 9.31 18.54
CA ASP B 44 7.00 9.74 17.55
C ASP B 44 6.82 8.73 16.42
N GLN B 45 7.91 8.08 16.00
CA GLN B 45 7.85 7.06 14.96
C GLN B 45 8.82 5.94 15.28
N ILE B 46 8.40 4.70 14.98
CA ILE B 46 9.25 3.52 15.08
C ILE B 46 9.32 2.86 13.71
N ILE B 47 10.53 2.61 13.24
CA ILE B 47 10.76 1.88 12.00
C ILE B 47 11.65 0.68 12.34
N ALA B 48 11.27 -0.50 11.85
CA ALA B 48 12.11 -1.70 11.92
C ALA B 48 11.85 -2.54 10.68
N ASN B 49 12.76 -2.49 9.72
CA ASN B 49 12.65 -3.27 8.50
C ASN B 49 13.38 -4.60 8.69
N ASN B 50 12.78 -5.68 8.19
CA ASN B 50 13.43 -6.98 8.15
C ASN B 50 14.07 -7.32 9.50
N SER B 51 13.24 -7.38 10.52
CA SER B 51 13.73 -7.49 11.89
C SER B 51 13.54 -8.89 12.43
N ASP B 52 14.18 -9.14 13.57
CA ASP B 52 13.99 -10.36 14.34
C ASP B 52 12.97 -10.18 15.46
N ILE B 53 12.22 -9.08 15.44
CA ILE B 53 11.15 -8.90 16.40
C ILE B 53 10.12 -10.01 16.29
N LYS B 54 9.63 -10.50 17.43
CA LYS B 54 8.53 -11.46 17.47
C LYS B 54 7.31 -10.96 18.23
N SER B 55 7.51 -10.14 19.26
CA SER B 55 6.42 -9.53 20.03
C SER B 55 6.72 -8.07 20.28
N VAL B 56 5.69 -7.22 20.21
CA VAL B 56 5.85 -5.80 20.46
C VAL B 56 5.34 -5.46 21.84
N GLN B 57 5.55 -6.37 22.80
CA GLN B 57 4.82 -6.32 24.06
C GLN B 57 5.07 -5.03 24.82
N GLY B 58 6.21 -4.38 24.62
CA GLY B 58 6.35 -3.15 25.39
C GLY B 58 5.58 -1.94 24.87
N ILE B 59 5.06 -2.00 23.64
CA ILE B 59 4.74 -0.78 22.90
C ILE B 59 3.58 0.02 23.49
N GLN B 60 2.72 -0.58 24.31
CA GLN B 60 1.59 0.16 24.86
C GLN B 60 2.03 1.33 25.74
N TYR B 61 3.30 1.37 26.14
CA TYR B 61 3.81 2.48 26.92
C TYR B 61 4.40 3.58 26.05
N LEU B 62 4.14 3.58 24.76
CA LEU B 62 4.58 4.68 23.89
C LEU B 62 3.29 5.22 23.35
N PRO B 63 2.65 6.09 24.08
CA PRO B 63 1.27 6.46 23.73
C PRO B 63 1.16 7.52 22.65
N ASN B 64 2.25 8.08 22.13
CA ASN B 64 2.19 9.19 21.18
C ASN B 64 2.84 8.87 19.83
N VAL B 65 3.13 7.59 19.56
CA VAL B 65 3.69 7.22 18.26
C VAL B 65 2.60 7.36 17.20
N ARG B 66 2.98 7.88 16.03
CA ARG B 66 2.06 8.08 14.93
C ARG B 66 2.44 7.31 13.68
N TYR B 67 3.67 6.82 13.62
CA TYR B 67 4.20 6.13 12.45
C TYR B 67 4.87 4.86 12.95
N LEU B 68 4.28 3.72 12.64
CA LEU B 68 4.85 2.42 13.02
C LEU B 68 5.03 1.59 11.76
N ALA B 69 6.27 1.20 11.49
CA ALA B 69 6.61 0.33 10.37
C ALA B 69 7.41 -0.84 10.94
N LEU B 70 6.76 -2.00 11.01
CA LEU B 70 7.37 -3.22 11.52
C LEU B 70 7.31 -4.29 10.44
N GLY B 71 8.46 -4.69 9.97
CA GLY B 71 8.53 -5.79 9.02
C GLY B 71 9.56 -6.79 9.51
N GLY B 72 9.22 -8.06 9.42
CA GLY B 72 10.07 -9.10 9.93
C GLY B 72 9.42 -10.46 9.80
N TYR B 73 10.22 -11.47 9.49
CA TYR B 73 9.69 -12.80 9.21
C TYR B 73 9.10 -13.46 10.45
N LYS B 74 9.48 -13.02 11.65
CA LYS B 74 9.13 -13.72 12.88
C LYS B 74 8.04 -13.05 13.71
N LEU B 75 7.56 -11.88 13.31
CA LEU B 75 6.55 -11.17 14.09
C LEU B 75 5.25 -11.98 14.10
N HIS B 76 4.75 -12.29 15.29
CA HIS B 76 3.53 -13.06 15.41
C HIS B 76 2.55 -12.55 16.47
N ASP B 77 2.94 -11.56 17.27
CA ASP B 77 2.09 -11.11 18.35
C ASP B 77 2.02 -9.59 18.31
N ILE B 78 0.84 -9.06 18.00
CA ILE B 78 0.65 -7.62 17.83
C ILE B 78 -0.52 -7.13 18.66
N SER B 79 -0.91 -7.87 19.69
CA SER B 79 -2.09 -7.46 20.45
C SER B 79 -1.86 -6.13 21.14
N ALA B 80 -0.64 -5.85 21.57
CA ALA B 80 -0.31 -4.60 22.26
C ALA B 80 -0.49 -3.36 21.39
N LEU B 81 -0.64 -3.51 20.07
CA LEU B 81 -0.84 -2.35 19.21
C LEU B 81 -2.17 -1.67 19.44
N LYS B 82 -3.15 -2.36 20.01
CA LYS B 82 -4.48 -1.78 20.10
C LYS B 82 -4.49 -0.45 20.83
N GLU B 83 -3.50 -0.18 21.67
CA GLU B 83 -3.54 1.00 22.52
C GLU B 83 -2.99 2.24 21.84
N LEU B 84 -2.31 2.09 20.70
CA LEU B 84 -1.62 3.24 20.11
C LEU B 84 -2.58 4.17 19.36
N THR B 85 -3.43 4.79 20.17
CA THR B 85 -4.45 5.78 19.81
C THR B 85 -4.10 6.74 18.67
N ASN B 86 -2.84 7.17 18.55
CA ASN B 86 -2.50 8.28 17.67
C ASN B 86 -1.78 7.87 16.39
N LEU B 87 -1.81 6.59 16.03
CA LEU B 87 -1.18 6.18 14.77
C LEU B 87 -1.91 6.83 13.60
N THR B 88 -1.15 7.34 12.64
CA THR B 88 -1.68 7.75 11.35
C THR B 88 -1.12 6.92 10.20
N TYR B 89 -0.03 6.20 10.42
CA TYR B 89 0.57 5.32 9.43
C TYR B 89 0.94 4.04 10.15
N LEU B 90 0.50 2.89 9.61
CA LEU B 90 0.76 1.61 10.25
C LEU B 90 1.14 0.59 9.19
N GLU B 91 2.34 0.03 9.31
CA GLU B 91 2.90 -0.89 8.34
C GLU B 91 3.37 -2.14 9.07
N LEU B 92 2.74 -3.28 8.78
CA LEU B 92 3.09 -4.57 9.37
C LEU B 92 3.17 -5.57 8.21
N ILE B 93 4.38 -5.97 7.84
CA ILE B 93 4.61 -6.65 6.58
C ILE B 93 5.63 -7.77 6.76
N TYR B 94 5.55 -8.74 5.84
CA TYR B 94 6.45 -9.91 5.77
C TYR B 94 6.39 -10.79 7.01
N ASN B 95 5.30 -10.79 7.78
CA ASN B 95 5.28 -11.58 8.99
C ASN B 95 4.46 -12.87 8.80
N GLN B 96 4.38 -13.68 9.86
CA GLN B 96 3.70 -14.96 9.82
C GLN B 96 2.23 -14.87 10.23
N LEU B 97 1.71 -13.67 10.46
CA LEU B 97 0.33 -13.51 10.88
C LEU B 97 -0.63 -14.17 9.90
N GLN B 98 -1.44 -15.11 10.42
CA GLN B 98 -2.52 -15.71 9.66
C GLN B 98 -3.88 -15.13 10.02
N SER B 99 -3.96 -14.34 11.08
CA SER B 99 -5.18 -13.63 11.37
C SER B 99 -4.83 -12.35 12.10
N LEU B 100 -5.82 -11.49 12.27
CA LEU B 100 -5.68 -10.30 13.10
C LEU B 100 -6.44 -10.47 14.41
N PRO B 101 -5.88 -10.06 15.55
CA PRO B 101 -6.63 -10.14 16.80
C PRO B 101 -7.90 -9.30 16.68
N ASN B 102 -9.00 -9.84 17.22
CA ASN B 102 -10.26 -9.11 17.16
C ASN B 102 -10.11 -7.71 17.77
N GLY B 103 -10.69 -6.72 17.11
CA GLY B 103 -10.66 -5.35 17.61
C GLY B 103 -9.30 -4.69 17.67
N VAL B 104 -8.28 -5.28 17.02
CA VAL B 104 -6.91 -4.76 17.15
C VAL B 104 -6.78 -3.31 16.68
N PHE B 105 -7.60 -2.88 15.72
CA PHE B 105 -7.48 -1.53 15.18
C PHE B 105 -8.54 -0.59 15.72
N ASP B 106 -9.36 -1.02 16.68
CA ASP B 106 -10.57 -0.29 17.01
C ASP B 106 -10.32 1.08 17.61
N LYS B 107 -9.13 1.34 18.13
CA LYS B 107 -8.83 2.63 18.75
C LYS B 107 -8.05 3.56 17.83
N LEU B 108 -7.75 3.16 16.60
CA LEU B 108 -6.85 3.92 15.74
C LEU B 108 -7.63 4.87 14.83
N THR B 109 -8.46 5.69 15.47
CA THR B 109 -9.39 6.50 14.69
C THR B 109 -8.69 7.53 13.80
N ASN B 110 -7.40 7.80 14.03
CA ASN B 110 -6.63 8.71 13.20
C ASN B 110 -5.83 8.01 12.11
N LEU B 111 -5.95 6.70 11.97
CA LEU B 111 -5.16 5.98 10.97
C LEU B 111 -5.55 6.41 9.57
N LYS B 112 -4.58 6.84 8.81
CA LYS B 112 -4.79 7.23 7.47
C LYS B 112 -4.33 6.18 6.43
N GLU B 113 -3.27 5.46 6.78
CA GLU B 113 -2.71 4.45 5.90
C GLU B 113 -2.47 3.16 6.65
N LEU B 114 -2.86 2.04 6.07
CA LEU B 114 -2.74 0.73 6.69
C LEU B 114 -2.08 -0.18 5.65
N VAL B 115 -0.85 -0.63 5.96
CA VAL B 115 -0.01 -1.40 5.05
C VAL B 115 0.11 -2.79 5.64
N LEU B 116 -0.51 -3.78 5.01
CA LEU B 116 -0.54 -5.14 5.55
C LEU B 116 -0.16 -6.19 4.52
N TYR B 117 0.85 -5.92 3.71
CA TYR B 117 1.11 -6.79 2.59
C TYR B 117 2.19 -7.84 2.94
N TRP B 118 2.36 -8.76 2.14
CA TRP B 118 3.32 -9.86 2.35
C TRP B 118 3.21 -10.63 3.67
N ASN B 119 1.99 -10.89 4.13
CA ASN B 119 1.81 -11.65 5.34
C ASN B 119 1.18 -13.01 4.99
N GLN B 120 0.54 -13.67 5.92
CA GLN B 120 -0.14 -14.95 5.68
C GLN B 120 -1.64 -14.91 6.03
N LEU B 121 -2.25 -13.74 5.99
CA LEU B 121 -3.64 -13.55 6.40
C LEU B 121 -4.59 -14.37 5.55
N GLN B 122 -5.33 -15.28 6.21
CA GLN B 122 -6.35 -16.09 5.57
C GLN B 122 -7.73 -15.50 5.67
N SER B 123 -7.97 -14.68 6.68
CA SER B 123 -9.26 -14.02 6.78
C SER B 123 -9.06 -12.69 7.47
N LEU B 124 -10.09 -11.90 7.42
CA LEU B 124 -10.17 -10.66 8.16
C LEU B 124 -11.29 -10.74 9.19
N PRO B 125 -11.07 -10.28 10.42
CA PRO B 125 -12.17 -10.26 11.39
C PRO B 125 -13.30 -9.37 10.89
N ASP B 126 -14.53 -9.87 11.01
CA ASP B 126 -15.71 -9.06 10.74
C ASP B 126 -15.63 -7.73 11.47
N GLY B 127 -16.00 -6.64 10.76
CA GLY B 127 -15.90 -5.28 11.29
C GLY B 127 -14.51 -4.77 11.61
N VAL B 128 -13.46 -5.44 11.13
CA VAL B 128 -12.08 -5.09 11.53
C VAL B 128 -11.73 -3.63 11.23
N PHE B 129 -12.33 -3.04 10.19
CA PHE B 129 -11.91 -1.69 9.76
C PHE B 129 -12.92 -0.61 10.13
N ASP B 130 -13.94 -0.93 10.94
CA ASP B 130 -15.11 -0.06 11.05
C ASP B 130 -14.81 1.24 11.77
N LYS B 131 -13.86 1.28 12.65
CA LYS B 131 -13.52 2.48 13.31
C LYS B 131 -12.56 3.39 12.51
N LEU B 132 -12.02 2.90 11.40
CA LEU B 132 -11.04 3.61 10.62
C LEU B 132 -11.59 4.53 9.56
N THR B 133 -12.47 5.43 9.96
CA THR B 133 -13.06 6.32 9.04
C THR B 133 -12.19 7.33 8.26
N ASN B 134 -10.98 7.58 8.74
CA ASN B 134 -10.03 8.44 8.03
C ASN B 134 -9.11 7.67 7.10
N LEU B 135 -9.23 6.36 7.03
CA LEU B 135 -8.30 5.57 6.21
C LEU B 135 -8.40 5.98 4.76
N THR B 136 -7.26 6.29 4.16
CA THR B 136 -7.19 6.70 2.76
C THR B 136 -6.52 5.67 1.85
N TYR B 137 -5.57 4.91 2.37
CA TYR B 137 -4.87 3.90 1.60
C TYR B 137 -4.88 2.60 2.39
N LEU B 138 -5.18 1.48 1.70
CA LEU B 138 -5.31 0.16 2.34
C LEU B 138 -4.69 -0.90 1.44
N TYR B 139 -3.61 -1.51 1.90
CA TYR B 139 -2.83 -2.45 1.09
C TYR B 139 -2.85 -3.81 1.76
N LEU B 140 -3.58 -4.75 1.16
CA LEU B 140 -3.74 -6.08 1.70
C LEU B 140 -3.25 -7.13 0.72
N GLN B 141 -2.42 -6.75 -0.24
CA GLN B 141 -2.00 -7.67 -1.28
C GLN B 141 -0.96 -8.64 -0.75
N ARG B 142 -0.77 -9.74 -1.50
CA ARG B 142 0.21 -10.77 -1.12
C ARG B 142 -0.10 -11.37 0.24
N ASN B 143 -1.32 -11.89 0.36
CA ASN B 143 -1.75 -12.64 1.55
C ASN B 143 -2.48 -13.89 1.06
N GLN B 144 -3.21 -14.55 1.94
CA GLN B 144 -3.88 -15.81 1.58
C GLN B 144 -5.39 -15.73 1.82
N LEU B 145 -5.93 -14.53 1.65
CA LEU B 145 -7.36 -14.30 1.85
C LEU B 145 -8.16 -15.09 0.83
N GLN B 146 -9.20 -15.79 1.28
CA GLN B 146 -10.10 -16.48 0.37
C GLN B 146 -11.46 -15.85 0.28
N SER B 147 -11.79 -14.97 1.20
CA SER B 147 -13.11 -14.38 1.29
C SER B 147 -12.98 -13.09 2.06
N LEU B 148 -13.96 -12.21 1.88
CA LEU B 148 -14.04 -10.96 2.63
C LEU B 148 -15.34 -10.93 3.42
N PRO B 149 -15.33 -10.47 4.69
CA PRO B 149 -16.59 -10.32 5.42
C PRO B 149 -17.50 -9.32 4.71
N LYS B 150 -18.80 -9.57 4.80
CA LYS B 150 -19.78 -8.65 4.25
C LYS B 150 -19.62 -7.23 4.84
N GLY B 151 -19.71 -6.23 3.96
CA GLY B 151 -19.61 -4.83 4.38
C GLY B 151 -18.29 -4.40 4.97
N VAL B 152 -17.22 -5.17 4.77
CA VAL B 152 -15.96 -4.95 5.45
C VAL B 152 -15.34 -3.58 5.14
N PHE B 153 -15.66 -2.97 4.01
CA PHE B 153 -15.11 -1.65 3.70
C PHE B 153 -16.13 -0.53 3.87
N ASP B 154 -17.29 -0.80 4.49
CA ASP B 154 -18.40 0.14 4.31
C ASP B 154 -18.13 1.48 4.99
N LYS B 155 -17.34 1.50 6.07
CA LYS B 155 -17.07 2.74 6.77
C LYS B 155 -15.90 3.51 6.19
N LEU B 156 -15.13 2.90 5.29
CA LEU B 156 -13.93 3.52 4.74
C LEU B 156 -14.29 4.47 3.59
N THR B 157 -15.12 5.46 3.89
CA THR B 157 -15.72 6.27 2.84
C THR B 157 -14.73 7.22 2.20
N ASN B 158 -13.59 7.48 2.84
CA ASN B 158 -12.56 8.33 2.27
C ASN B 158 -11.48 7.54 1.57
N LEU B 159 -11.67 6.22 1.42
CA LEU B 159 -10.65 5.38 0.84
C LEU B 159 -10.40 5.73 -0.62
N THR B 160 -9.12 5.90 -0.99
CA THR B 160 -8.77 6.18 -2.38
C THR B 160 -8.00 5.05 -3.05
N GLU B 161 -7.31 4.20 -2.30
CA GLU B 161 -6.62 3.06 -2.89
C GLU B 161 -6.89 1.80 -2.07
N LEU B 162 -7.20 0.71 -2.78
CA LEU B 162 -7.45 -0.57 -2.14
C LEU B 162 -6.78 -1.65 -2.96
N ASP B 163 -5.83 -2.36 -2.36
CA ASP B 163 -5.06 -3.39 -3.06
C ASP B 163 -5.40 -4.74 -2.44
N LEU B 164 -6.08 -5.57 -3.21
CA LEU B 164 -6.48 -6.92 -2.82
C LEU B 164 -5.77 -7.96 -3.68
N SER B 165 -4.74 -7.56 -4.41
CA SER B 165 -4.13 -8.42 -5.40
C SER B 165 -3.26 -9.48 -4.72
N TYR B 166 -2.94 -10.53 -5.46
CA TYR B 166 -2.15 -11.61 -4.96
C TYR B 166 -2.75 -12.25 -3.68
N ASN B 167 -4.00 -12.63 -3.75
CA ASN B 167 -4.61 -13.36 -2.67
C ASN B 167 -5.24 -14.64 -3.25
N GLN B 168 -6.18 -15.24 -2.56
CA GLN B 168 -6.84 -16.42 -3.02
C GLN B 168 -8.33 -16.21 -3.04
N LEU B 169 -8.79 -15.08 -3.56
CA LEU B 169 -10.20 -14.72 -3.37
C LEU B 169 -11.11 -15.56 -4.26
N GLN B 170 -12.11 -16.22 -3.64
CA GLN B 170 -13.04 -17.06 -4.40
C GLN B 170 -14.23 -16.27 -4.92
N SER B 171 -14.62 -15.22 -4.20
CA SER B 171 -15.80 -14.43 -4.49
C SER B 171 -15.64 -13.08 -3.84
N LEU B 172 -16.43 -12.13 -4.28
CA LEU B 172 -16.58 -10.87 -3.59
C LEU B 172 -17.96 -10.79 -2.96
N PRO B 173 -18.09 -10.19 -1.78
CA PRO B 173 -19.44 -9.99 -1.23
C PRO B 173 -20.20 -8.99 -2.07
N GLU B 174 -21.50 -9.25 -2.24
CA GLU B 174 -22.35 -8.27 -2.91
C GLU B 174 -22.23 -6.92 -2.21
N GLY B 175 -22.23 -5.84 -3.00
CA GLY B 175 -22.15 -4.49 -2.46
C GLY B 175 -20.82 -4.11 -1.82
N VAL B 176 -19.80 -4.96 -1.92
CA VAL B 176 -18.58 -4.77 -1.13
C VAL B 176 -17.89 -3.43 -1.40
N PHE B 177 -18.02 -2.85 -2.60
CA PHE B 177 -17.36 -1.58 -2.89
C PHE B 177 -18.35 -0.42 -2.98
N ASP B 178 -19.56 -0.58 -2.44
CA ASP B 178 -20.62 0.39 -2.72
C ASP B 178 -20.35 1.74 -2.06
N LYS B 179 -19.63 1.76 -0.96
CA LYS B 179 -19.43 3.01 -0.25
C LYS B 179 -18.15 3.74 -0.64
N LEU B 180 -17.29 3.13 -1.45
CA LEU B 180 -15.97 3.70 -1.77
C LEU B 180 -16.06 4.63 -2.98
N THR B 181 -16.85 5.70 -2.82
CA THR B 181 -17.07 6.66 -3.91
C THR B 181 -15.87 7.55 -4.19
N GLN B 182 -14.88 7.59 -3.30
N GLN B 182 -14.88 7.59 -3.30
CA GLN B 182 -13.64 8.32 -3.61
CA GLN B 182 -13.64 8.31 -3.59
C GLN B 182 -12.53 7.38 -4.08
C GLN B 182 -12.52 7.38 -4.06
N LEU B 183 -12.79 6.08 -4.21
CA LEU B 183 -11.76 5.13 -4.61
C LEU B 183 -11.26 5.42 -6.03
N LYS B 184 -9.95 5.59 -6.16
CA LYS B 184 -9.34 5.79 -7.47
C LYS B 184 -8.59 4.57 -7.98
N ASP B 185 -8.17 3.67 -7.10
CA ASP B 185 -7.27 2.58 -7.44
C ASP B 185 -7.77 1.30 -6.77
N LEU B 186 -8.19 0.31 -7.57
CA LEU B 186 -8.70 -0.96 -7.06
C LEU B 186 -7.98 -2.11 -7.76
N ARG B 187 -7.27 -2.93 -6.99
CA ARG B 187 -6.43 -4.00 -7.56
C ARG B 187 -7.00 -5.35 -7.14
N LEU B 188 -7.51 -6.10 -8.10
CA LEU B 188 -8.04 -7.45 -7.85
C LEU B 188 -7.26 -8.52 -8.59
N TYR B 189 -6.18 -8.16 -9.26
CA TYR B 189 -5.46 -9.09 -10.12
C TYR B 189 -4.75 -10.16 -9.28
N GLN B 190 -4.56 -11.32 -9.90
CA GLN B 190 -3.93 -12.47 -9.25
C GLN B 190 -4.79 -13.01 -8.10
N ASN B 191 -6.01 -13.40 -8.41
CA ASN B 191 -6.86 -14.08 -7.44
C ASN B 191 -7.55 -15.24 -8.15
N GLN B 192 -8.50 -15.87 -7.47
CA GLN B 192 -9.20 -17.01 -8.06
C GLN B 192 -10.65 -16.65 -8.29
N LEU B 193 -10.92 -15.40 -8.68
CA LEU B 193 -12.29 -14.95 -8.93
C LEU B 193 -12.78 -15.48 -10.27
N LYS B 194 -13.86 -16.23 -10.25
CA LYS B 194 -14.53 -16.63 -11.48
C LYS B 194 -15.62 -15.66 -11.90
N SER B 195 -16.13 -14.85 -10.98
CA SER B 195 -17.19 -13.91 -11.29
C SER B 195 -17.18 -12.80 -10.24
N VAL B 196 -17.95 -11.77 -10.50
CA VAL B 196 -18.15 -10.68 -9.56
C VAL B 196 -19.65 -10.48 -9.47
N PRO B 197 -20.19 -10.01 -8.34
CA PRO B 197 -21.63 -9.72 -8.27
C PRO B 197 -22.01 -8.64 -9.26
N ASP B 198 -23.24 -8.75 -9.79
CA ASP B 198 -23.73 -7.73 -10.71
C ASP B 198 -23.70 -6.35 -10.07
N GLY B 199 -23.27 -5.35 -10.85
CA GLY B 199 -23.23 -3.98 -10.38
C GLY B 199 -22.15 -3.64 -9.38
N VAL B 200 -21.20 -4.56 -9.14
CA VAL B 200 -20.25 -4.39 -8.05
C VAL B 200 -19.36 -3.15 -8.21
N PHE B 201 -19.19 -2.63 -9.43
CA PHE B 201 -18.30 -1.51 -9.68
C PHE B 201 -19.04 -0.20 -9.92
N ASP B 202 -20.39 -0.24 -9.97
CA ASP B 202 -21.14 0.87 -10.56
C ASP B 202 -21.12 2.12 -9.70
N ARG B 203 -20.76 2.04 -8.43
CA ARG B 203 -20.73 3.23 -7.61
C ARG B 203 -19.34 3.82 -7.48
N LEU B 204 -18.36 3.20 -8.15
CA LEU B 204 -16.97 3.66 -8.14
C LEU B 204 -16.82 4.85 -9.10
N THR B 205 -17.47 5.95 -8.73
CA THR B 205 -17.49 7.08 -9.65
C THR B 205 -16.17 7.83 -9.75
N SER B 206 -15.19 7.52 -8.90
CA SER B 206 -13.87 8.17 -8.96
C SER B 206 -12.78 7.27 -9.52
N LEU B 207 -13.11 6.03 -9.89
CA LEU B 207 -12.10 5.06 -10.28
C LEU B 207 -11.29 5.52 -11.47
N GLN B 208 -9.98 5.55 -11.31
N GLN B 208 -9.98 5.54 -11.32
CA GLN B 208 -9.06 5.79 -12.42
CA GLN B 208 -9.08 5.77 -12.45
C GLN B 208 -8.32 4.54 -12.87
C GLN B 208 -8.29 4.54 -12.88
N TYR B 209 -8.02 3.60 -11.97
CA TYR B 209 -7.30 2.38 -12.30
C TYR B 209 -8.02 1.18 -11.69
N ILE B 210 -8.24 0.15 -12.48
CA ILE B 210 -8.69 -1.13 -11.97
C ILE B 210 -7.87 -2.23 -12.62
N TRP B 211 -7.50 -3.21 -11.80
CA TRP B 211 -6.69 -4.35 -12.23
C TRP B 211 -7.52 -5.61 -12.05
N LEU B 212 -7.85 -6.27 -13.16
CA LEU B 212 -8.72 -7.44 -13.13
C LEU B 212 -8.07 -8.69 -13.71
N HIS B 213 -6.84 -8.59 -14.21
CA HIS B 213 -6.23 -9.73 -14.89
C HIS B 213 -5.83 -10.84 -13.91
N ASP B 214 -5.45 -11.98 -14.49
CA ASP B 214 -4.98 -13.14 -13.73
C ASP B 214 -6.03 -13.57 -12.71
N ASN B 215 -7.28 -13.57 -13.16
CA ASN B 215 -8.40 -14.24 -12.54
C ASN B 215 -9.03 -15.20 -13.53
N PRO B 216 -9.44 -16.36 -13.09
CA PRO B 216 -10.01 -17.35 -13.97
C PRO B 216 -11.45 -17.05 -14.22
N TRP B 217 -11.71 -16.01 -14.97
CA TRP B 217 -13.09 -15.58 -15.21
C TRP B 217 -13.86 -16.65 -15.95
N ASP B 218 -15.09 -16.89 -15.50
CA ASP B 218 -16.01 -17.81 -16.18
C ASP B 218 -16.86 -16.98 -17.13
N CYS B 219 -16.67 -17.17 -18.44
CA CYS B 219 -17.31 -16.34 -19.46
C CYS B 219 -18.62 -16.95 -19.97
N THR B 220 -19.22 -17.86 -19.22
CA THR B 220 -20.54 -18.37 -19.55
C THR B 220 -21.57 -17.23 -19.56
N CYS B 221 -22.46 -17.24 -20.54
CA CYS B 221 -23.49 -16.23 -20.65
C CYS B 221 -24.77 -16.79 -20.05
N PRO B 222 -25.51 -15.96 -19.29
CA PRO B 222 -25.42 -14.50 -19.26
C PRO B 222 -24.67 -13.95 -18.04
N GLY B 223 -24.07 -14.80 -17.22
CA GLY B 223 -23.38 -14.34 -16.04
C GLY B 223 -22.30 -13.32 -16.35
N ILE B 224 -21.42 -13.64 -17.31
CA ILE B 224 -20.32 -12.77 -17.68
C ILE B 224 -20.79 -11.43 -18.23
N ARG B 225 -22.10 -11.23 -18.44
CA ARG B 225 -22.57 -10.04 -19.12
C ARG B 225 -22.17 -8.75 -18.38
N TYR B 226 -22.37 -8.70 -17.06
CA TYR B 226 -22.11 -7.45 -16.34
C TYR B 226 -20.66 -7.02 -16.48
N LEU B 227 -19.73 -7.93 -16.16
CA LEU B 227 -18.31 -7.63 -16.25
C LEU B 227 -17.93 -7.21 -17.67
N SER B 228 -18.50 -7.89 -18.67
CA SER B 228 -18.16 -7.62 -20.06
C SER B 228 -18.59 -6.23 -20.46
N GLU B 229 -19.83 -5.86 -20.14
CA GLU B 229 -20.33 -4.53 -20.49
C GLU B 229 -19.65 -3.45 -19.67
N TRP B 230 -19.24 -3.77 -18.45
CA TRP B 230 -18.56 -2.75 -17.63
C TRP B 230 -17.17 -2.46 -18.17
N ILE B 231 -16.42 -3.50 -18.53
CA ILE B 231 -15.09 -3.29 -19.08
C ILE B 231 -15.19 -2.51 -20.38
N ASN B 232 -16.17 -2.83 -21.23
CA ASN B 232 -16.34 -2.08 -22.47
C ASN B 232 -16.62 -0.62 -22.18
N LYS B 233 -17.52 -0.36 -21.23
CA LYS B 233 -17.88 1.02 -20.91
C LYS B 233 -16.72 1.76 -20.26
N HIS B 234 -15.87 1.06 -19.53
CA HIS B 234 -14.81 1.69 -18.74
C HIS B 234 -13.44 1.20 -19.17
N SER B 235 -13.22 1.07 -20.48
CA SER B 235 -12.04 0.38 -20.97
C SER B 235 -10.76 1.16 -20.70
N GLY B 236 -10.85 2.48 -20.60
CA GLY B 236 -9.69 3.29 -20.28
C GLY B 236 -9.15 3.11 -18.87
N VAL B 237 -9.91 2.44 -17.99
CA VAL B 237 -9.54 2.32 -16.59
C VAL B 237 -8.81 1.00 -16.29
N VAL B 238 -8.91 0.03 -17.20
CA VAL B 238 -8.41 -1.32 -16.94
C VAL B 238 -6.92 -1.37 -17.25
N ARG B 239 -6.13 -1.70 -16.24
CA ARG B 239 -4.68 -1.66 -16.30
C ARG B 239 -4.11 -3.07 -16.28
N ASN B 240 -2.99 -3.27 -16.98
CA ASN B 240 -2.35 -4.58 -16.98
C ASN B 240 -1.25 -4.63 -15.95
N SER B 241 -0.57 -5.77 -15.93
CA SER B 241 0.50 -6.05 -14.99
C SER B 241 1.55 -4.95 -14.98
N ALA B 242 1.91 -4.46 -16.16
CA ALA B 242 2.93 -3.43 -16.31
C ALA B 242 2.38 -2.03 -16.08
N GLY B 243 1.21 -1.90 -15.46
CA GLY B 243 0.60 -0.61 -15.23
C GLY B 243 0.13 0.14 -16.46
N SER B 244 0.26 -0.44 -17.65
CA SER B 244 -0.22 0.20 -18.87
C SER B 244 -1.71 -0.11 -19.07
N VAL B 245 -2.37 0.68 -19.90
CA VAL B 245 -3.79 0.50 -20.18
C VAL B 245 -4.02 -0.67 -21.14
N ALA B 246 -4.74 -1.67 -20.66
CA ALA B 246 -5.06 -2.86 -21.44
C ALA B 246 -6.42 -3.41 -21.02
N PRO B 247 -7.45 -3.15 -21.75
CA PRO B 247 -8.76 -3.66 -21.50
C PRO B 247 -8.89 -5.17 -21.66
N ASP B 248 -8.18 -5.72 -22.60
CA ASP B 248 -8.23 -7.12 -22.86
C ASP B 248 -7.46 -7.96 -21.84
N SER B 249 -6.88 -7.41 -20.79
CA SER B 249 -6.10 -8.24 -19.87
C SER B 249 -6.98 -9.15 -19.03
N ALA B 250 -8.28 -8.89 -18.96
CA ALA B 250 -9.22 -9.78 -18.28
C ALA B 250 -9.67 -10.84 -19.28
N LYS B 251 -9.27 -12.09 -19.06
CA LYS B 251 -9.43 -13.16 -20.04
C LYS B 251 -10.23 -14.33 -19.49
N CYS B 252 -10.94 -15.02 -20.39
CA CYS B 252 -11.75 -16.17 -20.02
C CYS B 252 -10.86 -17.38 -19.73
N SER B 253 -11.18 -18.13 -18.67
CA SER B 253 -10.27 -19.18 -18.24
C SER B 253 -10.19 -20.31 -19.27
N GLY B 254 -11.29 -20.58 -19.97
CA GLY B 254 -11.27 -21.62 -20.99
C GLY B 254 -10.69 -21.14 -22.30
N SER B 255 -11.39 -20.23 -22.96
CA SER B 255 -11.02 -19.82 -24.31
C SER B 255 -9.77 -18.96 -24.32
N GLY B 256 -9.51 -18.21 -23.26
CA GLY B 256 -8.53 -17.16 -23.31
C GLY B 256 -8.99 -15.90 -24.02
N LYS B 257 -10.23 -15.88 -24.50
CA LYS B 257 -10.76 -14.67 -25.11
C LYS B 257 -10.72 -13.52 -24.10
N PRO B 258 -10.72 -12.28 -24.57
CA PRO B 258 -10.93 -11.15 -23.65
C PRO B 258 -12.37 -11.14 -23.16
N VAL B 259 -12.52 -10.88 -21.85
CA VAL B 259 -13.86 -10.85 -21.25
C VAL B 259 -14.77 -9.92 -22.02
N ARG B 260 -14.29 -8.70 -22.34
CA ARG B 260 -15.12 -7.73 -23.02
C ARG B 260 -15.45 -8.12 -24.45
N SER B 261 -14.88 -9.21 -24.97
CA SER B 261 -15.24 -9.71 -26.29
C SER B 261 -16.39 -10.70 -26.24
N ILE B 262 -16.83 -11.09 -25.06
CA ILE B 262 -17.99 -11.99 -24.93
C ILE B 262 -19.27 -11.16 -25.03
N ILE B 263 -20.16 -11.54 -25.94
CA ILE B 263 -21.44 -10.86 -26.12
C ILE B 263 -22.56 -11.84 -25.83
N CYS B 264 -23.44 -11.45 -24.91
CA CYS B 264 -24.50 -12.33 -24.47
C CYS B 264 -25.87 -11.96 -25.00
N PRO B 265 -26.47 -12.87 -25.78
CA PRO B 265 -27.80 -12.65 -26.36
C PRO B 265 -28.82 -12.24 -25.31
#